data_2NLO
#
_entry.id   2NLO
#
_cell.length_a   118.784
_cell.length_b   63.021
_cell.length_c   35.527
_cell.angle_alpha   90.00
_cell.angle_beta   92.24
_cell.angle_gamma   90.00
#
_symmetry.space_group_name_H-M   'C 1 2 1'
#
loop_
_entity.id
_entity.type
_entity.pdbx_description
1 polymer 'Shikimate dehydrogenase'
2 non-polymer GLYCEROL
3 water water
#
_entity_poly.entity_id   1
_entity_poly.type   'polypeptide(L)'
_entity_poly.pdbx_seq_one_letter_code
;MSGHHHHHHGSEQLYFQGAMNDSILLGLIGQGLDLSRTPAMHEAEGLAQGRATVYRRIDTLGSRASGQDLKTLLDAALYL
GFNGLNITHPYKQAVLPLLDEVSEQATQLGAVNTVVIDATGHTTGHNTDVSGFGRGMEEGLPNAKLDSVVQVGAGGVGNA
VAYALVTHGVQKLQVADLDTSRAQALADVINNAVGREAVVGVDARGIEDVIAAADGVVNATPMGMPAHPGTAFDVSCLTK
DHWVGDVVYMPIETELLKAARALGCETLDGTRMAIHQAVDAFRLFTGLEPDVSRMRETFLSL
;
_entity_poly.pdbx_strand_id   A
#
loop_
_chem_comp.id
_chem_comp.type
_chem_comp.name
_chem_comp.formula
GOL non-polymer GLYCEROL 'C3 H8 O3'
#
# COMPACT_ATOMS: atom_id res chain seq x y z
N ASP A 22 -1.25 -4.12 29.06
CA ASP A 22 -0.58 -5.34 28.53
C ASP A 22 0.30 -4.95 27.35
N SER A 23 1.52 -5.49 27.30
CA SER A 23 2.46 -5.13 26.22
C SER A 23 2.01 -5.72 24.90
N ILE A 24 2.40 -5.08 23.80
CA ILE A 24 1.96 -5.43 22.45
C ILE A 24 3.15 -5.91 21.63
N LEU A 25 2.98 -7.03 20.93
CA LEU A 25 4.05 -7.67 20.18
C LEU A 25 3.64 -7.85 18.72
N LEU A 26 4.37 -7.23 17.80
CA LEU A 26 4.00 -7.22 16.39
C LEU A 26 5.23 -7.51 15.54
N GLY A 27 5.02 -7.85 14.28
CA GLY A 27 6.13 -7.94 13.35
C GLY A 27 5.70 -7.83 11.92
N LEU A 28 6.69 -7.80 11.04
CA LEU A 28 6.49 -7.66 9.60
C LEU A 28 7.27 -8.76 8.91
N ILE A 29 6.55 -9.63 8.19
CA ILE A 29 7.19 -10.72 7.45
C ILE A 29 7.35 -10.29 6.00
N GLY A 30 8.58 -10.32 5.49
CA GLY A 30 8.84 -9.91 4.14
C GLY A 30 10.33 -9.98 3.87
N GLN A 31 10.75 -9.35 2.78
CA GLN A 31 12.14 -9.33 2.37
C GLN A 31 12.62 -7.90 2.17
N GLY A 32 13.81 -7.63 2.66
CA GLY A 32 14.46 -6.33 2.46
C GLY A 32 13.81 -5.23 3.25
N LEU A 33 13.76 -5.42 4.56
CA LEU A 33 12.92 -4.61 5.43
C LEU A 33 13.65 -3.53 6.18
N ASP A 34 14.94 -3.33 5.91
CA ASP A 34 15.75 -2.45 6.77
C ASP A 34 15.16 -1.03 6.88
N LEU A 35 14.65 -0.52 5.77
CA LEU A 35 14.20 0.87 5.72
C LEU A 35 12.72 1.05 6.03
N SER A 36 12.04 -0.02 6.43
CA SER A 36 10.62 0.10 6.74
C SER A 36 10.44 1.09 7.86
N ARG A 37 9.46 1.98 7.72
CA ARG A 37 9.10 2.92 8.78
C ARG A 37 7.96 2.39 9.64
N THR A 38 7.44 1.23 9.26
CA THR A 38 6.30 0.66 9.94
C THR A 38 6.61 0.24 11.38
N PRO A 39 7.75 -0.46 11.61
CA PRO A 39 8.03 -0.78 13.01
C PRO A 39 8.07 0.42 13.95
N ALA A 40 8.75 1.49 13.57
CA ALA A 40 8.83 2.67 14.42
C ALA A 40 7.45 3.28 14.67
N MET A 41 6.60 3.33 13.64
CA MET A 41 5.28 3.93 13.80
C MET A 41 4.48 3.17 14.86
N HIS A 42 4.51 1.84 14.82
CA HIS A 42 3.73 1.03 15.79
C HIS A 42 4.33 1.09 17.19
N GLU A 43 5.66 1.01 17.27
CA GLU A 43 6.32 1.08 18.58
C GLU A 43 6.02 2.39 19.30
N ALA A 44 6.12 3.51 18.59
CA ALA A 44 5.89 4.84 19.19
C ALA A 44 4.43 5.03 19.60
N GLU A 45 3.50 4.56 18.77
CA GLU A 45 2.09 4.79 19.06
C GLU A 45 1.63 3.90 20.21
N GLY A 46 2.11 2.67 20.24
CA GLY A 46 1.78 1.83 21.39
C GLY A 46 2.24 2.48 22.68
N LEU A 47 3.49 2.95 22.68
CA LEU A 47 4.05 3.58 23.86
C LEU A 47 3.30 4.88 24.22
N ALA A 48 2.93 5.67 23.21
CA ALA A 48 2.15 6.89 23.42
C ALA A 48 0.82 6.58 24.09
N GLN A 49 0.31 5.37 23.89
CA GLN A 49 -0.96 4.95 24.47
C GLN A 49 -0.78 4.12 25.73
N GLY A 50 0.43 4.13 26.28
CA GLY A 50 0.71 3.52 27.57
C GLY A 50 1.00 2.04 27.52
N ARG A 51 1.32 1.53 26.34
CA ARG A 51 1.54 0.09 26.17
C ARG A 51 2.89 -0.16 25.53
N ALA A 52 3.80 -0.78 26.27
CA ALA A 52 5.09 -1.11 25.74
C ALA A 52 4.87 -1.98 24.51
N THR A 53 5.48 -1.60 23.39
CA THR A 53 5.24 -2.23 22.12
C THR A 53 6.54 -2.54 21.42
N VAL A 54 6.69 -3.80 21.01
CA VAL A 54 7.81 -4.22 20.18
C VAL A 54 7.26 -4.63 18.82
N TYR A 55 7.90 -4.13 17.77
CA TYR A 55 7.53 -4.47 16.40
C TYR A 55 8.80 -4.87 15.69
N ARG A 56 8.94 -6.16 15.42
CA ARG A 56 10.14 -6.72 14.82
C ARG A 56 10.01 -6.93 13.33
N ARG A 57 11.04 -6.53 12.59
CA ARG A 57 11.21 -7.00 11.25
C ARG A 57 11.45 -8.51 11.31
N ILE A 58 10.83 -9.23 10.39
CA ILE A 58 11.03 -10.67 10.21
C ILE A 58 11.41 -10.86 8.75
N ASP A 59 12.67 -10.57 8.47
CA ASP A 59 13.18 -10.39 7.11
C ASP A 59 13.84 -11.66 6.65
N THR A 60 13.30 -12.30 5.60
CA THR A 60 13.84 -13.57 5.15
C THR A 60 15.08 -13.42 4.26
N LEU A 61 15.56 -12.18 4.12
CA LEU A 61 16.90 -11.93 3.62
C LEU A 61 17.85 -11.49 4.74
N GLY A 62 17.36 -11.45 5.97
CA GLY A 62 18.11 -10.88 7.09
C GLY A 62 18.82 -11.92 7.93
N SER A 63 19.30 -11.49 9.09
CA SER A 63 20.23 -12.28 9.88
C SER A 63 19.56 -13.32 10.75
N ARG A 64 18.23 -13.28 10.86
CA ARG A 64 17.51 -14.20 11.75
C ARG A 64 16.62 -15.21 11.04
N ALA A 65 15.83 -14.73 10.07
CA ALA A 65 14.76 -15.53 9.47
C ALA A 65 15.06 -16.02 8.05
N SER A 66 16.28 -15.79 7.55
CA SER A 66 16.57 -16.16 6.18
C SER A 66 16.42 -17.66 5.95
N GLY A 67 15.73 -18.01 4.85
CA GLY A 67 15.58 -19.39 4.43
C GLY A 67 14.44 -20.15 5.07
N GLN A 68 13.69 -19.50 5.97
CA GLN A 68 12.56 -20.14 6.61
C GLN A 68 11.32 -19.93 5.76
N ASP A 69 10.43 -20.93 5.77
CA ASP A 69 9.17 -20.86 5.04
C ASP A 69 8.24 -19.90 5.74
N LEU A 70 7.32 -19.31 4.96
CA LEU A 70 6.33 -18.40 5.50
C LEU A 70 5.51 -19.05 6.61
N LYS A 71 5.10 -20.29 6.40
CA LYS A 71 4.29 -20.99 7.40
C LYS A 71 5.05 -21.15 8.73
N THR A 72 6.32 -21.48 8.66
CA THR A 72 7.18 -21.56 9.86
C THR A 72 7.18 -20.28 10.66
N LEU A 73 7.32 -19.14 9.96
CA LEU A 73 7.39 -17.84 10.58
C LEU A 73 6.02 -17.41 11.15
N LEU A 74 4.96 -17.67 10.42
CA LEU A 74 3.62 -17.40 10.91
C LEU A 74 3.33 -18.20 12.17
N ASP A 75 3.58 -19.51 12.11
CA ASP A 75 3.37 -20.38 13.27
C ASP A 75 4.21 -19.87 14.45
N ALA A 76 5.45 -19.48 14.19
CA ALA A 76 6.34 -18.97 15.26
C ALA A 76 5.70 -17.79 16.00
N ALA A 77 5.13 -16.87 15.23
CA ALA A 77 4.45 -15.70 15.77
C ALA A 77 3.30 -16.10 16.68
N LEU A 78 2.57 -17.13 16.25
CA LEU A 78 1.45 -17.65 17.04
C LEU A 78 1.96 -18.17 18.37
N TYR A 79 2.98 -19.04 18.32
CA TYR A 79 3.49 -19.69 19.53
C TYR A 79 4.11 -18.73 20.52
N LEU A 80 4.78 -17.70 20.01
CA LEU A 80 5.57 -16.81 20.88
C LEU A 80 4.80 -15.55 21.31
N GLY A 81 3.49 -15.52 21.05
CA GLY A 81 2.60 -14.53 21.67
C GLY A 81 2.47 -13.22 20.93
N PHE A 82 2.72 -13.23 19.62
CA PHE A 82 2.51 -12.03 18.82
C PHE A 82 1.02 -11.74 18.80
N ASN A 83 0.67 -10.47 18.80
CA ASN A 83 -0.71 -10.03 18.69
C ASN A 83 -1.09 -9.74 17.25
N GLY A 84 -0.10 -9.65 16.37
CA GLY A 84 -0.40 -9.33 14.99
C GLY A 84 0.86 -9.31 14.14
N LEU A 85 0.65 -9.40 12.84
CA LEU A 85 1.73 -9.25 11.89
C LEU A 85 1.28 -8.39 10.75
N ASN A 86 2.22 -7.65 10.17
CA ASN A 86 2.05 -7.25 8.79
C ASN A 86 2.83 -8.20 7.87
N ILE A 87 2.37 -8.23 6.64
CA ILE A 87 2.94 -9.08 5.60
C ILE A 87 3.23 -8.20 4.41
N THR A 88 4.41 -8.37 3.84
CA THR A 88 4.76 -7.64 2.64
C THR A 88 5.39 -8.57 1.63
N HIS A 89 5.90 -8.01 0.55
CA HIS A 89 6.50 -8.76 -0.54
C HIS A 89 7.59 -9.69 -0.01
N PRO A 90 7.66 -10.92 -0.54
CA PRO A 90 6.80 -11.55 -1.55
C PRO A 90 5.66 -12.44 -1.01
N TYR A 91 5.09 -12.11 0.15
CA TYR A 91 4.19 -13.04 0.86
C TYR A 91 2.72 -12.65 0.96
N LYS A 92 2.33 -11.50 0.39
CA LYS A 92 0.98 -11.00 0.61
C LYS A 92 -0.12 -11.87 0.00
N GLN A 93 0.19 -12.57 -1.10
CA GLN A 93 -0.75 -13.54 -1.70
C GLN A 93 -0.58 -14.93 -1.10
N ALA A 94 0.67 -15.36 -0.92
CA ALA A 94 0.98 -16.66 -0.34
C ALA A 94 0.36 -16.86 1.04
N VAL A 95 0.21 -15.79 1.82
CA VAL A 95 -0.24 -15.94 3.20
C VAL A 95 -1.72 -16.30 3.33
N LEU A 96 -2.53 -15.97 2.32
CA LEU A 96 -4.00 -16.18 2.45
C LEU A 96 -4.43 -17.58 2.90
N PRO A 97 -4.00 -18.64 2.19
CA PRO A 97 -4.43 -20.00 2.57
C PRO A 97 -4.01 -20.46 3.96
N LEU A 98 -3.03 -19.79 4.56
CA LEU A 98 -2.54 -20.15 5.89
C LEU A 98 -3.37 -19.56 7.02
N LEU A 99 -4.24 -18.60 6.69
CA LEU A 99 -4.99 -17.87 7.71
C LEU A 99 -6.34 -18.53 8.00
N ASP A 100 -6.82 -18.34 9.23
CA ASP A 100 -8.11 -18.94 9.62
C ASP A 100 -9.29 -18.21 9.01
N GLU A 101 -9.23 -16.88 9.00
CA GLU A 101 -10.26 -16.05 8.42
C GLU A 101 -9.61 -14.95 7.61
N VAL A 102 -10.27 -14.53 6.55
CA VAL A 102 -9.79 -13.44 5.71
C VAL A 102 -10.95 -12.52 5.38
N SER A 103 -10.73 -11.22 5.53
CA SER A 103 -11.77 -10.23 5.23
C SER A 103 -12.20 -10.39 3.79
N GLU A 104 -13.43 -9.98 3.48
CA GLU A 104 -13.94 -10.19 2.12
C GLU A 104 -13.11 -9.35 1.13
N GLN A 105 -12.72 -8.16 1.55
CA GLN A 105 -11.92 -7.28 0.70
C GLN A 105 -10.54 -7.88 0.39
N ALA A 106 -9.88 -8.41 1.40
CA ALA A 106 -8.58 -9.05 1.18
C ALA A 106 -8.76 -10.31 0.34
N THR A 107 -9.85 -11.03 0.60
CA THR A 107 -10.17 -12.23 -0.17
C THR A 107 -10.30 -11.94 -1.65
N GLN A 108 -11.04 -10.87 -1.97
CA GLN A 108 -11.30 -10.55 -3.36
C GLN A 108 -10.06 -10.01 -4.08
N LEU A 109 -9.25 -9.22 -3.37
CA LEU A 109 -8.00 -8.75 -3.94
C LEU A 109 -7.01 -9.87 -4.07
N GLY A 110 -7.12 -10.86 -3.19
CA GLY A 110 -6.16 -11.95 -3.13
C GLY A 110 -4.87 -11.57 -2.47
N ALA A 111 -4.91 -10.55 -1.61
CA ALA A 111 -3.71 -10.08 -0.92
C ALA A 111 -4.03 -9.59 0.48
N VAL A 112 -3.19 -10.00 1.42
CA VAL A 112 -3.30 -9.63 2.83
C VAL A 112 -2.00 -8.97 3.28
N ASN A 113 -2.10 -7.80 3.92
CA ASN A 113 -0.94 -7.14 4.51
C ASN A 113 -1.00 -7.06 6.02
N THR A 114 -2.10 -7.51 6.62
CA THR A 114 -2.34 -7.37 8.05
C THR A 114 -2.99 -8.63 8.58
N VAL A 115 -2.39 -9.20 9.63
CA VAL A 115 -2.89 -10.43 10.25
C VAL A 115 -3.08 -10.18 11.73
N VAL A 116 -4.30 -10.31 12.22
CA VAL A 116 -4.59 -10.15 13.63
C VAL A 116 -4.61 -11.53 14.26
N ILE A 117 -3.85 -11.70 15.34
CA ILE A 117 -3.72 -12.99 16.01
C ILE A 117 -4.48 -12.87 17.33
N ASP A 118 -5.45 -13.75 17.52
CA ASP A 118 -6.30 -13.67 18.70
C ASP A 118 -5.71 -14.52 19.82
N ALA A 119 -6.41 -14.58 20.94
CA ALA A 119 -5.86 -15.22 22.14
C ALA A 119 -5.45 -16.67 21.93
N THR A 120 -6.22 -17.41 21.13
CA THR A 120 -5.98 -18.84 20.92
C THR A 120 -5.03 -19.12 19.75
N GLY A 121 -4.46 -18.07 19.16
CA GLY A 121 -3.47 -18.23 18.10
C GLY A 121 -4.11 -18.42 16.75
N HIS A 122 -5.33 -17.91 16.58
CA HIS A 122 -5.98 -18.00 15.28
C HIS A 122 -5.91 -16.65 14.61
N THR A 123 -6.06 -16.65 13.30
CA THR A 123 -5.62 -15.52 12.50
C THR A 123 -6.73 -14.98 11.61
N THR A 124 -6.77 -13.65 11.50
CA THR A 124 -7.66 -12.98 10.60
C THR A 124 -6.87 -12.05 9.71
N GLY A 125 -7.00 -12.22 8.40
CA GLY A 125 -6.30 -11.40 7.43
C GLY A 125 -7.13 -10.21 6.98
N HIS A 126 -6.44 -9.10 6.75
CA HIS A 126 -7.03 -7.84 6.31
C HIS A 126 -6.12 -7.19 5.30
N ASN A 127 -6.64 -6.17 4.62
CA ASN A 127 -5.75 -5.39 3.75
C ASN A 127 -5.91 -3.90 4.00
N THR A 128 -4.93 -3.35 4.72
CA THR A 128 -4.95 -1.94 5.05
C THR A 128 -4.17 -1.11 4.06
N ASP A 129 -3.55 -1.74 3.05
CA ASP A 129 -3.04 -0.99 1.90
C ASP A 129 -4.22 -0.38 1.15
N VAL A 130 -5.28 -1.16 0.96
CA VAL A 130 -6.48 -0.68 0.27
C VAL A 130 -7.15 0.45 1.06
N SER A 131 -7.44 0.18 2.33
CA SER A 131 -8.07 1.19 3.18
C SER A 131 -7.17 2.42 3.35
N GLY A 132 -5.86 2.20 3.43
CA GLY A 132 -4.91 3.31 3.60
C GLY A 132 -4.82 4.21 2.39
N PHE A 133 -4.79 3.62 1.19
CA PHE A 133 -4.77 4.46 0.01
C PHE A 133 -6.10 5.21 -0.15
N GLY A 134 -7.19 4.51 0.15
CA GLY A 134 -8.51 5.11 0.07
C GLY A 134 -8.62 6.30 0.99
N ARG A 135 -8.08 6.17 2.21
CA ARG A 135 -8.09 7.29 3.15
C ARG A 135 -7.20 8.42 2.62
N GLY A 136 -6.06 8.07 2.05
CA GLY A 136 -5.21 9.06 1.39
C GLY A 136 -5.93 9.86 0.32
N MET A 137 -6.71 9.17 -0.51
CA MET A 137 -7.56 9.86 -1.51
C MET A 137 -8.54 10.85 -0.87
N GLU A 138 -9.16 10.43 0.22
CA GLU A 138 -10.12 11.28 0.91
C GLU A 138 -9.45 12.50 1.52
N GLU A 139 -8.27 12.28 2.10
CA GLU A 139 -7.53 13.28 2.84
C GLU A 139 -6.79 14.25 1.92
N GLY A 140 -6.25 13.73 0.83
CA GLY A 140 -5.35 14.49 -0.04
C GLY A 140 -5.92 14.88 -1.40
N LEU A 141 -7.01 14.25 -1.81
CA LEU A 141 -7.66 14.55 -3.09
C LEU A 141 -9.16 14.77 -2.93
N PRO A 142 -9.57 15.55 -1.92
CA PRO A 142 -11.00 15.60 -1.60
C PRO A 142 -11.88 16.20 -2.69
N ASN A 143 -11.30 17.03 -3.57
CA ASN A 143 -12.07 17.69 -4.63
C ASN A 143 -11.77 17.13 -6.02
N ALA A 144 -10.96 16.07 -6.08
CA ALA A 144 -10.46 15.54 -7.35
C ALA A 144 -11.57 14.97 -8.22
N LYS A 145 -11.46 15.20 -9.51
CA LYS A 145 -12.31 14.58 -10.52
C LYS A 145 -11.79 13.16 -10.75
N LEU A 146 -12.66 12.16 -10.62
CA LEU A 146 -12.25 10.77 -10.63
C LEU A 146 -12.80 9.94 -11.81
N ASP A 147 -13.41 10.58 -12.79
CA ASP A 147 -14.08 9.86 -13.88
C ASP A 147 -13.12 8.91 -14.60
N SER A 148 -11.93 9.40 -14.91
CA SER A 148 -10.94 8.66 -15.70
C SER A 148 -9.56 8.83 -15.10
N VAL A 149 -8.95 7.72 -14.70
CA VAL A 149 -7.65 7.76 -14.06
C VAL A 149 -6.72 6.74 -14.73
N VAL A 150 -5.44 7.07 -14.82
CA VAL A 150 -4.42 6.16 -15.31
C VAL A 150 -3.52 5.81 -14.13
N GLN A 151 -3.22 4.54 -13.99
CA GLN A 151 -2.24 4.06 -13.02
C GLN A 151 -1.09 3.46 -13.78
N VAL A 152 0.13 3.93 -13.53
CA VAL A 152 1.32 3.37 -14.13
C VAL A 152 2.00 2.43 -13.15
N GLY A 153 2.01 1.13 -13.49
CA GLY A 153 2.56 0.10 -12.63
C GLY A 153 1.49 -0.78 -12.01
N ALA A 154 1.63 -2.09 -12.20
CA ALA A 154 0.71 -3.08 -11.62
C ALA A 154 1.37 -3.91 -10.52
N GLY A 155 2.65 -3.66 -10.26
CA GLY A 155 3.39 -4.43 -9.26
C GLY A 155 3.38 -3.73 -7.91
N GLY A 156 4.13 -4.28 -6.96
CA GLY A 156 4.21 -3.70 -5.62
C GLY A 156 2.83 -3.62 -5.01
N VAL A 157 2.49 -2.46 -4.45
CA VAL A 157 1.16 -2.22 -3.89
C VAL A 157 0.17 -1.73 -4.94
N GLY A 158 0.54 -1.80 -6.23
CA GLY A 158 -0.35 -1.36 -7.29
C GLY A 158 -1.69 -2.04 -7.29
N ASN A 159 -1.72 -3.31 -6.87
CA ASN A 159 -2.98 -4.04 -6.79
C ASN A 159 -3.94 -3.39 -5.79
N ALA A 160 -3.43 -3.07 -4.60
CA ALA A 160 -4.24 -2.43 -3.56
C ALA A 160 -4.65 -1.01 -3.94
N VAL A 161 -3.74 -0.30 -4.59
CA VAL A 161 -3.98 1.05 -5.06
C VAL A 161 -5.13 1.05 -6.07
N ALA A 162 -5.09 0.14 -7.03
CA ALA A 162 -6.12 0.09 -8.07
C ALA A 162 -7.47 -0.22 -7.43
N TYR A 163 -7.47 -1.18 -6.51
CA TYR A 163 -8.69 -1.58 -5.82
C TYR A 163 -9.27 -0.42 -5.05
N ALA A 164 -8.40 0.29 -4.32
CA ALA A 164 -8.83 1.48 -3.60
C ALA A 164 -9.40 2.55 -4.53
N LEU A 165 -8.71 2.80 -5.65
CA LEU A 165 -9.18 3.83 -6.57
C LEU A 165 -10.62 3.58 -7.02
N VAL A 166 -10.90 2.37 -7.49
CA VAL A 166 -12.20 2.09 -8.10
C VAL A 166 -13.29 1.86 -7.06
N THR A 167 -12.92 1.67 -5.80
CA THR A 167 -13.91 1.58 -4.71
C THR A 167 -14.07 2.92 -3.98
N HIS A 168 -13.31 3.93 -4.38
CA HIS A 168 -13.43 5.28 -3.83
C HIS A 168 -13.72 6.33 -4.91
N GLY A 169 -14.47 5.94 -5.95
CA GLY A 169 -15.07 6.88 -6.89
C GLY A 169 -14.56 6.89 -8.34
N VAL A 170 -13.47 6.18 -8.62
CA VAL A 170 -12.92 6.15 -9.97
C VAL A 170 -13.78 5.28 -10.89
N GLN A 171 -14.33 5.87 -11.94
CA GLN A 171 -15.22 5.14 -12.85
C GLN A 171 -14.47 4.28 -13.82
N LYS A 172 -13.43 4.85 -14.42
CA LYS A 172 -12.60 4.11 -15.35
C LYS A 172 -11.13 4.24 -14.96
N LEU A 173 -10.49 3.10 -14.69
CA LEU A 173 -9.08 3.04 -14.40
C LEU A 173 -8.34 2.30 -15.51
N GLN A 174 -7.37 2.96 -16.10
CA GLN A 174 -6.49 2.31 -17.06
C GLN A 174 -5.16 2.03 -16.38
N VAL A 175 -4.79 0.76 -16.29
CA VAL A 175 -3.55 0.36 -15.63
C VAL A 175 -2.57 -0.06 -16.71
N ALA A 176 -1.40 0.58 -16.71
CA ALA A 176 -0.34 0.29 -17.63
C ALA A 176 0.81 -0.33 -16.87
N ASP A 177 1.42 -1.34 -17.44
CA ASP A 177 2.62 -1.93 -16.88
C ASP A 177 3.51 -2.34 -18.04
N LEU A 178 4.81 -2.32 -17.84
CA LEU A 178 5.73 -2.88 -18.82
C LEU A 178 5.28 -4.28 -19.23
N ASP A 179 4.90 -5.08 -18.24
CA ASP A 179 4.36 -6.41 -18.48
C ASP A 179 2.85 -6.28 -18.64
N THR A 180 2.39 -6.24 -19.88
CA THR A 180 0.98 -6.09 -20.21
C THR A 180 0.12 -7.18 -19.54
N SER A 181 0.65 -8.40 -19.44
CA SER A 181 -0.07 -9.49 -18.80
C SER A 181 -0.29 -9.24 -17.30
N ARG A 182 0.66 -8.57 -16.66
CA ARG A 182 0.53 -8.18 -15.26
C ARG A 182 -0.61 -7.18 -15.08
N ALA A 183 -0.68 -6.19 -15.99
CA ALA A 183 -1.73 -5.18 -15.93
C ALA A 183 -3.10 -5.82 -16.18
N GLN A 184 -3.17 -6.72 -17.17
CA GLN A 184 -4.43 -7.40 -17.45
C GLN A 184 -4.90 -8.30 -16.31
N ALA A 185 -3.95 -9.02 -15.69
CA ALA A 185 -4.27 -9.86 -14.52
C ALA A 185 -4.84 -9.02 -13.39
N LEU A 186 -4.23 -7.88 -13.13
CA LEU A 186 -4.70 -6.96 -12.10
C LEU A 186 -6.09 -6.47 -12.46
N ALA A 187 -6.30 -6.09 -13.72
CA ALA A 187 -7.62 -5.65 -14.15
C ALA A 187 -8.69 -6.70 -13.89
N ASP A 188 -8.39 -7.95 -14.21
CA ASP A 188 -9.35 -9.05 -13.99
C ASP A 188 -9.66 -9.24 -12.51
N VAL A 189 -8.63 -9.18 -11.67
CA VAL A 189 -8.87 -9.31 -10.22
C VAL A 189 -9.78 -8.21 -9.70
N ILE A 190 -9.48 -6.98 -10.04
CA ILE A 190 -10.25 -5.84 -9.54
C ILE A 190 -11.68 -5.86 -10.08
N ASN A 191 -11.83 -6.11 -11.37
CA ASN A 191 -13.16 -6.13 -11.98
C ASN A 191 -14.05 -7.20 -11.35
N ASN A 192 -13.46 -8.35 -11.07
CA ASN A 192 -14.18 -9.42 -10.40
C ASN A 192 -14.58 -9.02 -8.98
N ALA A 193 -13.68 -8.31 -8.30
CA ALA A 193 -13.92 -7.92 -6.91
C ALA A 193 -15.07 -6.93 -6.79
N VAL A 194 -15.15 -5.99 -7.73
CA VAL A 194 -16.14 -4.91 -7.64
C VAL A 194 -17.39 -5.17 -8.46
N GLY A 195 -17.32 -6.13 -9.38
CA GLY A 195 -18.48 -6.55 -10.14
C GLY A 195 -18.84 -5.66 -11.31
N ARG A 196 -17.84 -5.03 -11.92
CA ARG A 196 -18.04 -4.19 -13.11
C ARG A 196 -16.73 -4.06 -13.83
N GLU A 197 -16.77 -3.63 -15.09
CA GLU A 197 -15.53 -3.40 -15.83
C GLU A 197 -14.97 -2.04 -15.46
N ALA A 198 -14.32 -1.96 -14.30
CA ALA A 198 -13.76 -0.71 -13.77
C ALA A 198 -12.37 -0.44 -14.33
N VAL A 199 -11.62 -1.52 -14.56
CA VAL A 199 -10.21 -1.45 -14.90
C VAL A 199 -9.98 -2.08 -16.27
N VAL A 200 -9.09 -1.45 -17.04
CA VAL A 200 -8.65 -1.99 -18.32
C VAL A 200 -7.13 -1.90 -18.36
N GLY A 201 -6.49 -2.98 -18.78
CA GLY A 201 -5.06 -2.98 -19.02
C GLY A 201 -4.81 -2.21 -20.29
N VAL A 202 -3.81 -1.33 -20.28
CA VAL A 202 -3.41 -0.60 -21.47
C VAL A 202 -1.92 -0.68 -21.63
N ASP A 203 -1.46 -0.49 -22.87
CA ASP A 203 -0.04 -0.55 -23.17
C ASP A 203 0.71 0.57 -22.45
N ALA A 204 1.90 0.24 -21.94
CA ALA A 204 2.78 1.24 -21.35
C ALA A 204 3.35 2.19 -22.41
N ARG A 205 3.60 1.67 -23.61
CA ARG A 205 4.13 2.49 -24.69
C ARG A 205 3.04 3.43 -25.19
N GLY A 206 3.34 4.72 -25.23
CA GLY A 206 2.36 5.73 -25.62
C GLY A 206 1.38 6.10 -24.52
N ILE A 207 1.74 5.76 -23.28
CA ILE A 207 0.84 6.00 -22.15
C ILE A 207 0.60 7.50 -21.95
N GLU A 208 1.54 8.33 -22.40
CA GLU A 208 1.40 9.79 -22.32
C GLU A 208 0.08 10.30 -22.91
N ASP A 209 -0.29 9.80 -24.10
CA ASP A 209 -1.55 10.22 -24.73
C ASP A 209 -2.76 9.85 -23.88
N VAL A 210 -2.70 8.69 -23.23
CA VAL A 210 -3.81 8.22 -22.41
C VAL A 210 -3.92 9.09 -21.16
N ILE A 211 -2.79 9.41 -20.55
CA ILE A 211 -2.74 10.29 -19.39
C ILE A 211 -3.28 11.68 -19.73
N ALA A 212 -2.87 12.22 -20.88
CA ALA A 212 -3.30 13.55 -21.29
C ALA A 212 -4.83 13.68 -21.34
N ALA A 213 -5.50 12.60 -21.71
CA ALA A 213 -6.96 12.56 -21.81
C ALA A 213 -7.66 12.26 -20.48
N ALA A 214 -6.88 11.85 -19.47
CA ALA A 214 -7.42 11.44 -18.19
C ALA A 214 -7.52 12.60 -17.21
N ASP A 215 -8.22 12.36 -16.12
CA ASP A 215 -8.37 13.33 -15.04
C ASP A 215 -7.22 13.31 -14.05
N GLY A 216 -6.59 12.16 -13.89
CA GLY A 216 -5.54 11.99 -12.92
C GLY A 216 -4.67 10.79 -13.24
N VAL A 217 -3.51 10.74 -12.62
CA VAL A 217 -2.58 9.67 -12.88
C VAL A 217 -1.85 9.36 -11.60
N VAL A 218 -1.68 8.07 -11.32
CA VAL A 218 -0.95 7.63 -10.14
C VAL A 218 0.24 6.80 -10.59
N ASN A 219 1.41 7.12 -10.06
CA ASN A 219 2.58 6.27 -10.24
C ASN A 219 2.63 5.20 -9.18
N ALA A 220 2.62 3.94 -9.62
CA ALA A 220 2.78 2.80 -8.73
C ALA A 220 4.02 1.98 -9.09
N THR A 221 4.99 2.60 -9.76
CA THR A 221 6.29 2.00 -10.00
C THR A 221 7.28 2.53 -8.97
N PRO A 222 8.46 1.89 -8.86
CA PRO A 222 9.49 2.47 -7.99
C PRO A 222 10.21 3.68 -8.59
N MET A 223 9.83 4.10 -9.80
CA MET A 223 10.48 5.25 -10.44
C MET A 223 10.32 6.48 -9.58
N GLY A 224 11.42 7.21 -9.37
CA GLY A 224 11.44 8.36 -8.49
C GLY A 224 12.29 8.12 -7.26
N MET A 225 12.48 6.85 -6.90
CA MET A 225 13.37 6.47 -5.80
C MET A 225 14.81 6.70 -6.19
N PRO A 226 15.70 6.88 -5.19
CA PRO A 226 17.11 7.13 -5.54
C PRO A 226 17.77 6.04 -6.37
N ALA A 227 17.35 4.78 -6.22
CA ALA A 227 17.90 3.70 -7.04
C ALA A 227 17.12 3.48 -8.34
N HIS A 228 16.07 4.27 -8.57
CA HIS A 228 15.27 4.22 -9.80
C HIS A 228 14.89 5.64 -10.22
N PRO A 229 15.90 6.50 -10.42
CA PRO A 229 15.63 7.93 -10.66
C PRO A 229 14.84 8.18 -11.93
N GLY A 230 14.09 9.29 -11.93
CA GLY A 230 13.33 9.70 -13.11
C GLY A 230 11.85 9.58 -12.90
N THR A 231 11.11 9.52 -14.01
CA THR A 231 9.66 9.44 -14.02
C THR A 231 9.21 8.31 -14.94
N ALA A 232 8.05 7.72 -14.65
CA ALA A 232 7.58 6.56 -15.39
C ALA A 232 6.94 6.95 -16.73
N PHE A 233 6.75 8.24 -16.93
CA PHE A 233 6.26 8.78 -18.20
C PHE A 233 6.74 10.21 -18.34
N ASP A 234 6.58 10.75 -19.54
CA ASP A 234 7.00 12.13 -19.84
C ASP A 234 6.03 13.14 -19.21
N VAL A 235 6.50 13.87 -18.21
CA VAL A 235 5.65 14.78 -17.44
C VAL A 235 5.13 15.97 -18.25
N SER A 236 5.68 16.19 -19.44
CA SER A 236 5.15 17.22 -20.32
C SER A 236 3.70 16.95 -20.73
N CYS A 237 3.24 15.71 -20.58
CA CYS A 237 1.85 15.36 -20.93
C CYS A 237 0.86 15.82 -19.87
N LEU A 238 1.36 16.23 -18.70
CA LEU A 238 0.52 16.74 -17.63
C LEU A 238 0.06 18.14 -17.97
N THR A 239 -1.11 18.50 -17.45
CA THR A 239 -1.59 19.86 -17.45
C THR A 239 -1.99 20.26 -16.05
N LYS A 240 -2.24 21.55 -15.88
CA LYS A 240 -2.65 22.08 -14.59
C LYS A 240 -3.95 21.44 -14.07
N ASP A 241 -4.76 20.89 -14.97
CA ASP A 241 -6.06 20.37 -14.55
C ASP A 241 -5.97 18.97 -14.01
N HIS A 242 -4.87 18.26 -14.29
CA HIS A 242 -4.66 16.92 -13.76
C HIS A 242 -4.43 16.94 -12.26
N TRP A 243 -4.76 15.84 -11.59
CA TRP A 243 -4.18 15.56 -10.29
C TRP A 243 -3.21 14.39 -10.46
N VAL A 244 -2.20 14.35 -9.60
CA VAL A 244 -1.15 13.34 -9.71
C VAL A 244 -0.89 12.74 -8.35
N GLY A 245 -0.81 11.41 -8.29
CA GLY A 245 -0.48 10.68 -7.09
C GLY A 245 0.77 9.83 -7.28
N ASP A 246 1.46 9.54 -6.18
CA ASP A 246 2.67 8.75 -6.24
C ASP A 246 2.69 7.82 -5.04
N VAL A 247 2.99 6.55 -5.29
CA VAL A 247 3.23 5.57 -4.23
C VAL A 247 4.60 5.74 -3.57
N VAL A 248 5.54 6.35 -4.29
CA VAL A 248 6.88 6.52 -3.76
C VAL A 248 6.88 7.59 -2.68
N TYR A 249 7.52 7.29 -1.54
CA TYR A 249 7.68 8.28 -0.49
C TYR A 249 9.14 8.53 -0.09
N MET A 250 10.05 7.79 -0.72
CA MET A 250 11.48 8.03 -0.58
C MET A 250 12.00 8.37 -1.97
N PRO A 251 12.13 9.67 -2.30
CA PRO A 251 11.85 10.86 -1.49
C PRO A 251 10.36 11.19 -1.47
N ILE A 252 9.93 12.07 -0.56
CA ILE A 252 8.52 12.49 -0.49
C ILE A 252 8.17 13.31 -1.73
N GLU A 253 9.09 14.20 -2.11
CA GLU A 253 8.87 15.01 -3.30
C GLU A 253 9.62 14.41 -4.49
N THR A 254 8.96 13.46 -5.15
CA THR A 254 9.52 12.82 -6.33
C THR A 254 9.56 13.79 -7.49
N GLU A 255 10.39 13.48 -8.49
CA GLU A 255 10.45 14.29 -9.71
C GLU A 255 9.06 14.44 -10.33
N LEU A 256 8.28 13.37 -10.32
CA LEU A 256 6.91 13.40 -10.81
C LEU A 256 6.07 14.42 -10.04
N LEU A 257 6.10 14.35 -8.71
CA LEU A 257 5.27 15.24 -7.91
C LEU A 257 5.74 16.69 -8.02
N LYS A 258 7.04 16.90 -8.15
CA LYS A 258 7.58 18.24 -8.39
C LYS A 258 7.03 18.82 -9.69
N ALA A 259 7.04 18.00 -10.73
CA ALA A 259 6.57 18.46 -12.04
C ALA A 259 5.08 18.78 -11.98
N ALA A 260 4.31 17.95 -11.28
CA ALA A 260 2.88 18.18 -11.09
C ALA A 260 2.61 19.46 -10.32
N ARG A 261 3.33 19.62 -9.22
CA ARG A 261 3.19 20.82 -8.41
C ARG A 261 3.54 22.08 -9.18
N ALA A 262 4.54 22.03 -10.05
CA ALA A 262 4.93 23.23 -10.81
C ALA A 262 3.79 23.73 -11.67
N LEU A 263 3.00 22.79 -12.20
CA LEU A 263 1.84 23.11 -13.04
C LEU A 263 0.63 23.57 -12.26
N GLY A 264 0.64 23.38 -10.94
CA GLY A 264 -0.48 23.71 -10.09
C GLY A 264 -1.42 22.54 -9.88
N CYS A 265 -0.97 21.34 -10.24
CA CYS A 265 -1.76 20.15 -10.03
C CYS A 265 -1.93 19.86 -8.54
N GLU A 266 -3.12 19.40 -8.17
CA GLU A 266 -3.29 18.80 -6.87
C GLU A 266 -2.50 17.51 -6.84
N THR A 267 -1.88 17.20 -5.71
CA THR A 267 -1.06 16.01 -5.62
C THR A 267 -1.40 15.17 -4.41
N LEU A 268 -1.15 13.88 -4.52
CA LEU A 268 -1.24 12.96 -3.41
C LEU A 268 0.11 12.29 -3.26
N ASP A 269 0.81 12.58 -2.18
CA ASP A 269 2.14 12.03 -1.99
C ASP A 269 2.04 10.64 -1.39
N GLY A 270 3.15 9.91 -1.41
CA GLY A 270 3.16 8.51 -0.99
C GLY A 270 3.16 8.29 0.50
N THR A 271 3.34 9.34 1.29
CA THR A 271 3.36 9.18 2.74
C THR A 271 1.97 8.83 3.27
N ARG A 272 0.92 9.28 2.59
CA ARG A 272 -0.43 9.12 3.13
C ARG A 272 -0.83 7.66 3.22
N MET A 273 -0.64 6.92 2.13
CA MET A 273 -0.93 5.49 2.15
C MET A 273 -0.06 4.77 3.17
N ALA A 274 1.24 5.10 3.19
CA ALA A 274 2.18 4.39 4.07
C ALA A 274 1.84 4.60 5.54
N ILE A 275 1.39 5.79 5.88
CA ILE A 275 0.98 6.10 7.25
C ILE A 275 -0.36 5.47 7.55
N HIS A 276 -1.34 5.66 6.67
CA HIS A 276 -2.68 5.15 6.95
C HIS A 276 -2.80 3.63 6.97
N GLN A 277 -1.97 2.91 6.20
CA GLN A 277 -2.00 1.45 6.29
C GLN A 277 -1.60 1.01 7.70
N ALA A 278 -0.68 1.76 8.30
CA ALA A 278 -0.22 1.50 9.68
C ALA A 278 -1.25 1.94 10.73
N VAL A 279 -1.88 3.10 10.51
CA VAL A 279 -2.98 3.57 11.36
C VAL A 279 -4.03 2.47 11.43
N ASP A 280 -4.49 2.01 10.26
CA ASP A 280 -5.57 1.03 10.21
C ASP A 280 -5.14 -0.30 10.78
N ALA A 281 -3.90 -0.71 10.51
CA ALA A 281 -3.40 -1.97 11.08
C ALA A 281 -3.28 -1.88 12.60
N PHE A 282 -2.78 -0.74 13.12
CA PHE A 282 -2.65 -0.56 14.56
C PHE A 282 -4.01 -0.71 15.25
N ARG A 283 -5.05 -0.10 14.67
CA ARG A 283 -6.40 -0.22 15.21
C ARG A 283 -6.85 -1.69 15.22
N LEU A 284 -6.59 -2.38 14.11
CA LEU A 284 -6.94 -3.81 14.01
C LEU A 284 -6.19 -4.69 15.01
N PHE A 285 -4.90 -4.42 15.18
CA PHE A 285 -4.07 -5.20 16.08
C PHE A 285 -4.46 -5.03 17.54
N THR A 286 -4.84 -3.80 17.90
CA THR A 286 -4.88 -3.42 19.32
C THR A 286 -6.27 -3.06 19.83
N GLY A 287 -7.18 -2.69 18.94
CA GLY A 287 -8.48 -2.16 19.36
C GLY A 287 -8.41 -0.73 19.86
N LEU A 288 -7.23 -0.12 19.83
CA LEU A 288 -7.04 1.27 20.24
C LEU A 288 -7.24 2.20 19.05
N GLU A 289 -7.68 3.42 19.30
CA GLU A 289 -7.81 4.39 18.24
C GLU A 289 -6.48 5.14 18.10
N PRO A 290 -5.78 4.92 16.97
CA PRO A 290 -4.48 5.56 16.80
C PRO A 290 -4.61 7.05 16.55
N ASP A 291 -3.60 7.79 17.00
CA ASP A 291 -3.50 9.21 16.71
C ASP A 291 -2.72 9.34 15.42
N VAL A 292 -3.44 9.71 14.35
CA VAL A 292 -2.85 9.84 13.02
C VAL A 292 -1.69 10.83 13.00
N SER A 293 -1.88 12.01 13.60
CA SER A 293 -0.83 13.03 13.60
C SER A 293 0.47 12.51 14.25
N ARG A 294 0.35 11.73 15.32
CA ARG A 294 1.53 11.16 15.98
C ARG A 294 2.25 10.15 15.08
N MET A 295 1.48 9.30 14.42
CA MET A 295 2.06 8.28 13.54
C MET A 295 2.70 8.93 12.31
N ARG A 296 2.08 10.00 11.81
CA ARG A 296 2.67 10.81 10.73
C ARG A 296 3.98 11.44 11.19
N GLU A 297 4.00 12.00 12.40
CA GLU A 297 5.23 12.57 12.96
C GLU A 297 6.35 11.54 13.04
N THR A 298 6.04 10.36 13.54
CA THR A 298 7.04 9.29 13.61
C THR A 298 7.54 8.97 12.22
N PHE A 299 6.62 8.79 11.28
CA PHE A 299 6.96 8.42 9.91
C PHE A 299 7.96 9.40 9.30
N LEU A 300 7.70 10.69 9.48
CA LEU A 300 8.54 11.74 8.87
C LEU A 300 9.88 11.92 9.58
N SER A 301 9.98 11.41 10.81
CA SER A 301 11.17 11.59 11.63
C SER A 301 12.28 10.62 11.30
N LEU A 302 12.00 9.62 10.46
CA LEU A 302 12.95 8.55 10.17
C LEU A 302 13.70 8.84 8.88
C1 GOL B . 2.52 -4.19 2.63
O1 GOL B . 2.25 -3.58 1.39
C2 GOL B . 2.51 -3.17 3.77
O2 GOL B . 1.23 -2.61 3.94
C3 GOL B . 2.94 -3.88 5.06
O3 GOL B . 2.68 -3.09 6.21
#